data_7HB4
#
_entry.id   7HB4
#
_cell.length_a   68.200
_cell.length_b   90.640
_cell.length_c   98.610
_cell.angle_alpha   90.000
_cell.angle_beta   90.000
_cell.angle_gamma   90.000
#
_symmetry.space_group_name_H-M   'I 2 2 2'
#
loop_
_entity.id
_entity.type
_entity.pdbx_description
1 polymer 'Heat shock protein HSP 90-alpha'
2 non-polymer N-(3-methylphenyl)thiourea
3 water water
#
_entity_poly.entity_id   1
_entity_poly.type   'polypeptide(L)'
_entity_poly.pdbx_seq_one_letter_code
;MDQPMEEEEVETFAFQAEIAQLMSLIINTFYSNKEIFLRELISNSSDALDKIRYESLTDPSKLDSGKELHINLIPNKQDR
TLTIVDTGIGMTKADLINNLGTIAKSGTKAFMEALQAGADISMIGQFGVGFYSAYLVAEKVTVITKHNDDEQYAWESSAG
GSFTVRTDTGEPMGRGTKVILHLKEDQTEYLEERRIKEIVKKHSQFIGYPITLFVEKERDKEVSDDEAELEHHHHHH
;
_entity_poly.pdbx_strand_id   A
#
loop_
_chem_comp.id
_chem_comp.type
_chem_comp.name
_chem_comp.formula
A1AXV non-polymer N-(3-methylphenyl)thiourea 'C8 H10 N2 S'
#
# COMPACT_ATOMS: atom_id res chain seq x y z
N GLU A 9 15.90 -9.42 -14.57
CA GLU A 9 15.82 -10.62 -13.75
C GLU A 9 14.67 -10.51 -12.74
N VAL A 10 13.69 -11.38 -12.88
CA VAL A 10 12.48 -11.35 -12.06
C VAL A 10 12.46 -12.60 -11.21
N GLU A 11 12.26 -12.44 -9.90
CA GLU A 11 12.15 -13.59 -9.02
C GLU A 11 10.70 -13.75 -8.58
N THR A 12 10.23 -14.99 -8.59
CA THR A 12 8.87 -15.30 -8.20
C THR A 12 8.88 -16.05 -6.88
N PHE A 13 7.98 -15.66 -5.99
CA PHE A 13 7.89 -16.22 -4.64
C PHE A 13 6.46 -16.64 -4.35
N ALA A 14 6.31 -17.67 -3.53
CA ALA A 14 4.99 -18.00 -2.96
C ALA A 14 4.72 -17.14 -1.73
N PHE A 15 3.52 -16.60 -1.64
CA PHE A 15 3.06 -16.04 -0.38
C PHE A 15 3.06 -17.13 0.68
N GLN A 16 3.30 -16.74 1.93
CA GLN A 16 2.97 -17.65 3.01
C GLN A 16 1.51 -18.10 2.91
N ALA A 17 1.24 -19.33 3.36
CA ALA A 17 -0.09 -19.90 3.17
C ALA A 17 -1.16 -19.02 3.82
N GLU A 18 -0.89 -18.50 5.02
CA GLU A 18 -1.87 -17.69 5.74
C GLU A 18 -2.19 -16.42 4.98
N ILE A 19 -1.19 -15.83 4.32
CA ILE A 19 -1.42 -14.58 3.60
C ILE A 19 -2.18 -14.84 2.32
N ALA A 20 -1.86 -15.94 1.60
CA ALA A 20 -2.65 -16.29 0.41
C ALA A 20 -4.10 -16.54 0.79
N GLN A 21 -4.33 -17.20 1.90
CA GLN A 21 -5.68 -17.39 2.41
C GLN A 21 -6.38 -16.06 2.70
N LEU A 22 -5.66 -15.12 3.29
CA LEU A 22 -6.26 -13.81 3.55
C LEU A 22 -6.60 -13.10 2.25
N MET A 23 -5.68 -13.12 1.27
CA MET A 23 -6.01 -12.39 0.04
C MET A 23 -7.17 -13.05 -0.69
N SER A 24 -7.28 -14.38 -0.65
CA SER A 24 -8.44 -15.01 -1.25
C SER A 24 -9.72 -14.60 -0.53
N LEU A 25 -9.68 -14.50 0.80
CA LEU A 25 -10.87 -14.06 1.51
C LEU A 25 -11.24 -12.63 1.11
N ILE A 26 -10.24 -11.75 1.00
CA ILE A 26 -10.52 -10.36 0.64
C ILE A 26 -11.12 -10.27 -0.76
N ILE A 27 -10.64 -11.10 -1.69
CA ILE A 27 -11.10 -11.03 -3.07
C ILE A 27 -12.47 -11.68 -3.23
N ASN A 28 -12.74 -12.73 -2.47
CA ASN A 28 -13.94 -13.52 -2.69
C ASN A 28 -15.11 -13.20 -1.76
N THR A 29 -14.87 -12.48 -0.67
CA THR A 29 -15.98 -12.20 0.24
C THR A 29 -16.83 -11.05 -0.31
N PHE A 30 -18.14 -11.22 -0.24
CA PHE A 30 -19.02 -10.11 -0.58
C PHE A 30 -18.96 -9.06 0.51
N TYR A 31 -18.55 -7.85 0.16
CA TYR A 31 -18.33 -6.81 1.14
C TYR A 31 -18.38 -5.48 0.41
N SER A 32 -19.46 -4.70 0.61
CA SER A 32 -19.67 -3.54 -0.24
C SER A 32 -18.82 -2.33 0.18
N ASN A 33 -18.38 -2.27 1.44
CA ASN A 33 -17.69 -1.08 1.98
C ASN A 33 -16.21 -1.06 1.57
N LYS A 34 -15.98 -1.14 0.25
CA LYS A 34 -14.61 -1.28 -0.26
C LYS A 34 -13.77 -0.03 -0.04
N GLU A 35 -14.39 1.14 0.15
CA GLU A 35 -13.60 2.38 0.16
C GLU A 35 -12.52 2.42 1.23
N ILE A 36 -12.59 1.56 2.26
CA ILE A 36 -11.61 1.60 3.34
C ILE A 36 -10.20 1.26 2.87
N PHE A 37 -10.04 0.68 1.66
CA PHE A 37 -8.68 0.40 1.20
C PHE A 37 -7.87 1.68 1.19
N LEU A 38 -8.49 2.80 0.82
CA LEU A 38 -7.73 4.05 0.68
C LEU A 38 -7.25 4.53 2.05
N ARG A 39 -8.13 4.49 3.06
CA ARG A 39 -7.73 4.78 4.44
C ARG A 39 -6.55 3.90 4.87
N GLU A 40 -6.58 2.62 4.52
CA GLU A 40 -5.50 1.74 5.01
C GLU A 40 -4.19 2.10 4.37
N LEU A 41 -4.22 2.43 3.09
CA LEU A 41 -2.96 2.70 2.43
C LEU A 41 -2.42 4.06 2.81
N ILE A 42 -3.30 5.04 3.02
CA ILE A 42 -2.82 6.34 3.47
C ILE A 42 -2.25 6.22 4.87
N SER A 43 -2.87 5.38 5.70
CA SER A 43 -2.35 5.13 7.05
C SER A 43 -0.96 4.51 6.98
N ASN A 44 -0.76 3.57 6.04
CA ASN A 44 0.57 2.98 5.87
C ASN A 44 1.57 4.02 5.41
N SER A 45 1.17 4.92 4.51
CA SER A 45 2.09 5.98 4.06
C SER A 45 2.43 6.91 5.20
N SER A 46 1.43 7.30 5.99
CA SER A 46 1.67 8.13 7.16
C SER A 46 2.65 7.48 8.12
N ASP A 47 2.49 6.18 8.40
CA ASP A 47 3.45 5.48 9.27
C ASP A 47 4.88 5.55 8.71
N ALA A 48 5.02 5.34 7.39
CA ALA A 48 6.35 5.36 6.77
C ALA A 48 6.96 6.74 6.83
N LEU A 49 6.13 7.77 6.66
CA LEU A 49 6.60 9.14 6.83
C LEU A 49 7.01 9.42 8.29
N ASP A 50 6.19 8.99 9.25
CA ASP A 50 6.59 9.09 10.66
C ASP A 50 7.98 8.49 10.90
N LYS A 51 8.27 7.36 10.26
CA LYS A 51 9.52 6.65 10.58
C LYS A 51 10.73 7.41 10.08
N ILE A 52 10.67 7.92 8.84
CA ILE A 52 11.84 8.64 8.33
C ILE A 52 11.96 9.99 9.04
N ARG A 53 10.83 10.61 9.36
CA ARG A 53 10.89 11.85 10.14
C ARG A 53 11.61 11.65 11.46
N TYR A 54 11.26 10.58 12.19
CA TYR A 54 11.90 10.36 13.47
C TYR A 54 13.38 10.03 13.30
N GLU A 55 13.71 9.16 12.34
CA GLU A 55 15.13 8.81 12.15
C GLU A 55 15.97 10.04 11.82
N SER A 56 15.38 11.01 11.09
CA SER A 56 16.15 12.19 10.67
C SER A 56 16.50 13.12 11.82
N LEU A 57 15.78 13.03 12.95
CA LEU A 57 16.10 13.85 14.11
C LEU A 57 17.49 13.54 14.66
N THR A 58 17.94 12.29 14.56
CA THR A 58 19.28 11.96 15.03
C THR A 58 20.29 11.78 13.90
N ASP A 59 19.84 11.71 12.65
CA ASP A 59 20.76 11.63 11.51
C ASP A 59 20.16 12.44 10.37
N PRO A 60 20.41 13.75 10.34
CA PRO A 60 19.80 14.60 9.30
C PRO A 60 20.08 14.13 7.89
N SER A 61 21.20 13.46 7.68
CA SER A 61 21.58 13.02 6.35
C SER A 61 20.59 12.00 5.77
N LYS A 62 19.71 11.41 6.59
CA LYS A 62 18.69 10.52 6.07
C LYS A 62 17.71 11.22 5.15
N LEU A 63 17.65 12.55 5.18
CA LEU A 63 16.78 13.31 4.30
C LEU A 63 17.54 13.84 3.07
N ASP A 64 18.79 13.40 2.86
CA ASP A 64 19.52 13.77 1.65
C ASP A 64 18.81 13.30 0.40
N SER A 65 18.05 12.21 0.50
CA SER A 65 17.28 11.64 -0.60
C SER A 65 15.91 12.31 -0.76
N GLY A 66 15.65 13.40 -0.05
CA GLY A 66 14.43 14.15 -0.24
C GLY A 66 13.88 14.67 1.09
N LYS A 67 13.73 15.98 1.23
CA LYS A 67 13.34 16.57 2.50
C LYS A 67 11.83 16.64 2.65
N GLU A 68 11.09 16.64 1.55
CA GLU A 68 9.63 16.80 1.61
C GLU A 68 8.97 15.51 2.04
N LEU A 69 8.03 15.61 2.99
CA LEU A 69 7.32 14.47 3.56
C LEU A 69 5.86 14.64 3.15
N HIS A 70 5.40 13.85 2.18
CA HIS A 70 4.05 14.12 1.66
C HIS A 70 3.47 12.85 1.06
N ILE A 71 2.19 12.92 0.73
CA ILE A 71 1.45 11.83 0.11
C ILE A 71 0.72 12.40 -1.11
N ASN A 72 0.84 11.73 -2.24
CA ASN A 72 0.16 12.15 -3.47
C ASN A 72 -0.75 11.03 -3.94
N LEU A 73 -1.97 11.39 -4.34
CA LEU A 73 -2.96 10.46 -4.90
C LEU A 73 -3.12 10.80 -6.37
N ILE A 74 -2.85 9.82 -7.25
CA ILE A 74 -2.76 10.05 -8.69
C ILE A 74 -3.68 9.08 -9.44
N PRO A 75 -4.92 9.46 -9.74
CA PRO A 75 -5.77 8.60 -10.56
C PRO A 75 -5.41 8.75 -12.03
N ASN A 76 -5.58 7.65 -12.78
CA ASN A 76 -5.29 7.65 -14.22
C ASN A 76 -6.38 6.83 -14.89
N LYS A 77 -7.34 7.52 -15.51
CA LYS A 77 -8.47 6.82 -16.10
C LYS A 77 -8.07 6.03 -17.35
N GLN A 78 -7.06 6.50 -18.07
CA GLN A 78 -6.61 5.79 -19.28
C GLN A 78 -5.99 4.44 -18.91
N ASP A 79 -5.09 4.43 -17.93
CA ASP A 79 -4.50 3.19 -17.45
C ASP A 79 -5.38 2.44 -16.46
N ARG A 80 -6.46 3.05 -15.99
CA ARG A 80 -7.30 2.50 -14.92
C ARG A 80 -6.45 2.16 -13.69
N THR A 81 -5.62 3.08 -13.28
CA THR A 81 -4.81 2.91 -12.09
C THR A 81 -5.06 4.06 -11.12
N LEU A 82 -4.93 3.74 -9.84
CA LEU A 82 -4.83 4.74 -8.78
C LEU A 82 -3.50 4.51 -8.07
N THR A 83 -2.66 5.54 -8.08
CA THR A 83 -1.33 5.47 -7.48
C THR A 83 -1.31 6.28 -6.18
N ILE A 84 -0.77 5.69 -5.12
CA ILE A 84 -0.57 6.35 -3.82
C ILE A 84 0.93 6.44 -3.62
N VAL A 85 1.48 7.66 -3.63
CA VAL A 85 2.92 7.89 -3.50
C VAL A 85 3.19 8.52 -2.15
N ASP A 86 4.23 8.05 -1.45
CA ASP A 86 4.69 8.78 -0.27
C ASP A 86 6.21 8.89 -0.34
N THR A 87 6.74 9.86 0.39
CA THR A 87 8.20 10.02 0.50
C THR A 87 8.69 9.53 1.86
N GLY A 88 8.09 8.43 2.33
CA GLY A 88 8.41 7.89 3.63
C GLY A 88 9.73 7.12 3.58
N ILE A 89 9.91 6.26 4.58
CA ILE A 89 11.17 5.53 4.73
C ILE A 89 11.43 4.47 3.65
N GLY A 90 10.40 3.97 2.94
CA GLY A 90 10.64 2.99 1.90
C GLY A 90 10.83 1.58 2.45
N MET A 91 11.08 0.64 1.55
CA MET A 91 11.24 -0.77 1.93
C MET A 91 12.49 -1.35 1.30
N THR A 92 13.21 -2.16 2.08
CA THR A 92 14.36 -2.88 1.55
C THR A 92 13.91 -4.13 0.78
N LYS A 93 14.83 -4.74 0.04
CA LYS A 93 14.48 -6.01 -0.59
C LYS A 93 14.06 -7.04 0.46
N ALA A 94 14.76 -7.06 1.60
CA ALA A 94 14.42 -8.04 2.64
C ALA A 94 13.04 -7.75 3.22
N ASP A 95 12.68 -6.48 3.35
CA ASP A 95 11.32 -6.11 3.73
C ASP A 95 10.29 -6.77 2.80
N LEU A 96 10.49 -6.58 1.48
CA LEU A 96 9.51 -7.02 0.47
C LEU A 96 9.40 -8.53 0.42
N ILE A 97 10.52 -9.23 0.57
CA ILE A 97 10.49 -10.67 0.36
C ILE A 97 10.17 -11.41 1.65
N ASN A 98 10.71 -10.96 2.78
CA ASN A 98 10.63 -11.80 3.96
C ASN A 98 10.09 -11.07 5.20
N ASN A 99 10.55 -9.85 5.52
CA ASN A 99 10.30 -9.29 6.85
C ASN A 99 8.84 -8.90 7.04
N LEU A 100 8.26 -8.18 6.08
CA LEU A 100 6.88 -7.69 6.26
C LEU A 100 5.90 -8.85 6.30
N GLY A 101 6.14 -9.88 5.50
CA GLY A 101 5.26 -11.04 5.52
C GLY A 101 5.38 -11.84 6.80
N THR A 102 6.60 -11.94 7.34
CA THR A 102 6.74 -12.62 8.63
C THR A 102 5.89 -11.93 9.69
N ILE A 103 5.95 -10.60 9.74
CA ILE A 103 5.08 -9.85 10.65
C ILE A 103 3.62 -10.08 10.30
N ALA A 104 3.30 -10.08 9.01
CA ALA A 104 1.89 -10.19 8.61
C ALA A 104 1.27 -11.54 8.98
N LYS A 105 2.09 -12.59 9.16
CA LYS A 105 1.55 -13.92 9.43
C LYS A 105 0.74 -13.92 10.72
N SER A 106 1.24 -13.28 11.78
CA SER A 106 0.46 -13.34 13.01
C SER A 106 -0.72 -12.38 12.97
N GLY A 107 -0.58 -11.23 12.31
CA GLY A 107 -1.71 -10.33 12.17
C GLY A 107 -2.83 -10.95 11.36
N THR A 108 -2.47 -11.69 10.31
CA THR A 108 -3.46 -12.39 9.50
C THR A 108 -4.21 -13.43 10.32
N LYS A 109 -3.47 -14.27 11.06
CA LYS A 109 -4.10 -15.27 11.93
C LYS A 109 -5.10 -14.62 12.87
N ALA A 110 -4.71 -13.51 13.50
CA ALA A 110 -5.61 -12.87 14.46
C ALA A 110 -6.82 -12.24 13.76
N PHE A 111 -6.60 -11.63 12.60
CA PHE A 111 -7.71 -11.03 11.86
C PHE A 111 -8.71 -12.08 11.42
N MET A 112 -8.22 -13.22 10.89
CA MET A 112 -9.15 -14.25 10.44
C MET A 112 -9.90 -14.86 11.61
N GLU A 113 -9.26 -15.02 12.77
CA GLU A 113 -10.01 -15.49 13.93
C GLU A 113 -11.06 -14.47 14.36
N ALA A 114 -10.72 -13.18 14.34
CA ALA A 114 -11.69 -12.13 14.67
C ALA A 114 -12.86 -12.11 13.70
N LEU A 115 -12.59 -12.30 12.40
CA LEU A 115 -13.68 -12.37 11.43
C LEU A 115 -14.62 -13.50 11.76
N GLN A 116 -14.07 -14.65 12.16
CA GLN A 116 -14.89 -15.79 12.53
C GLN A 116 -15.78 -15.47 13.72
N ALA A 117 -15.32 -14.59 14.61
CA ALA A 117 -16.05 -14.24 15.81
C ALA A 117 -16.89 -12.97 15.65
N GLY A 118 -17.07 -12.49 14.41
CA GLY A 118 -18.01 -11.41 14.16
C GLY A 118 -17.42 -10.09 13.71
N ALA A 119 -16.09 -9.95 13.66
CA ALA A 119 -15.50 -8.72 13.17
C ALA A 119 -15.83 -8.51 11.69
N ASP A 120 -15.58 -7.30 11.18
CA ASP A 120 -15.76 -7.14 9.75
C ASP A 120 -14.47 -6.66 9.11
N ILE A 121 -14.46 -6.74 7.78
CA ILE A 121 -13.25 -6.50 6.99
C ILE A 121 -12.72 -5.10 7.24
N SER A 122 -13.58 -4.15 7.62
CA SER A 122 -13.07 -2.80 7.83
C SER A 122 -12.14 -2.69 9.04
N MET A 123 -12.14 -3.68 9.98
CA MET A 123 -11.19 -3.60 11.09
C MET A 123 -9.80 -4.13 10.76
N ILE A 124 -9.53 -4.42 9.48
CA ILE A 124 -8.31 -5.12 9.09
C ILE A 124 -7.05 -4.38 9.58
N GLY A 125 -7.07 -3.04 9.62
CA GLY A 125 -5.90 -2.30 10.07
C GLY A 125 -5.60 -2.46 11.55
N GLN A 126 -6.59 -2.86 12.34
CA GLN A 126 -6.29 -3.10 13.74
C GLN A 126 -5.38 -4.30 13.91
N PHE A 127 -5.16 -5.07 12.85
CA PHE A 127 -4.31 -6.25 12.92
C PHE A 127 -3.01 -6.09 12.14
N GLY A 128 -2.74 -4.88 11.66
CA GLY A 128 -1.50 -4.57 10.99
C GLY A 128 -1.38 -5.05 9.57
N VAL A 129 -2.46 -5.53 8.95
CA VAL A 129 -2.35 -6.10 7.61
C VAL A 129 -3.29 -5.35 6.65
N GLY A 130 -3.51 -4.06 6.89
CA GLY A 130 -4.39 -3.31 6.01
C GLY A 130 -3.91 -3.22 4.57
N PHE A 131 -2.61 -3.37 4.34
CA PHE A 131 -2.11 -3.36 2.96
C PHE A 131 -2.93 -4.27 2.04
N TYR A 132 -3.28 -5.48 2.51
CA TYR A 132 -3.91 -6.44 1.62
C TYR A 132 -5.33 -6.00 1.24
N SER A 133 -5.89 -4.98 1.90
CA SER A 133 -7.21 -4.48 1.50
C SER A 133 -7.16 -3.80 0.13
N ALA A 134 -5.97 -3.53 -0.40
CA ALA A 134 -5.84 -3.12 -1.79
C ALA A 134 -6.59 -4.07 -2.73
N TYR A 135 -6.64 -5.38 -2.42
CA TYR A 135 -7.29 -6.34 -3.31
C TYR A 135 -8.81 -6.30 -3.21
N LEU A 136 -9.37 -5.40 -2.41
CA LEU A 136 -10.81 -5.14 -2.51
C LEU A 136 -11.13 -4.49 -3.84
N VAL A 137 -10.22 -3.67 -4.35
CA VAL A 137 -10.50 -2.89 -5.56
C VAL A 137 -9.52 -3.14 -6.69
N ALA A 138 -8.37 -3.76 -6.45
CA ALA A 138 -7.37 -3.93 -7.49
C ALA A 138 -7.26 -5.38 -7.90
N GLU A 139 -7.14 -5.63 -9.20
CA GLU A 139 -6.85 -6.98 -9.64
C GLU A 139 -5.34 -7.24 -9.65
N LYS A 140 -4.55 -6.17 -9.66
CA LYS A 140 -3.11 -6.30 -9.59
C LYS A 140 -2.58 -5.10 -8.82
N VAL A 141 -1.53 -5.33 -8.03
CA VAL A 141 -0.91 -4.27 -7.27
C VAL A 141 0.58 -4.29 -7.57
N THR A 142 1.12 -3.15 -7.97
CA THR A 142 2.56 -2.97 -8.15
C THR A 142 3.06 -1.98 -7.10
N VAL A 143 4.17 -2.30 -6.46
CA VAL A 143 4.71 -1.43 -5.41
C VAL A 143 6.14 -1.13 -5.77
N ILE A 144 6.46 0.14 -6.00
CA ILE A 144 7.81 0.60 -6.32
C ILE A 144 8.32 1.27 -5.07
N THR A 145 9.55 0.96 -4.68
CA THR A 145 9.99 1.45 -3.39
C THR A 145 11.48 1.62 -3.36
N LYS A 146 11.93 2.59 -2.58
CA LYS A 146 13.36 2.88 -2.45
C LYS A 146 13.62 3.23 -0.99
N HIS A 147 14.46 2.46 -0.32
CA HIS A 147 14.92 2.73 1.04
C HIS A 147 16.34 3.27 0.93
N ASN A 148 16.70 4.21 1.82
CA ASN A 148 18.04 4.79 1.81
C ASN A 148 19.13 3.72 1.79
N ASP A 149 18.88 2.56 2.38
CA ASP A 149 19.90 1.55 2.53
C ASP A 149 19.90 0.50 1.42
N ASP A 150 19.10 0.67 0.36
CA ASP A 150 18.96 -0.39 -0.64
C ASP A 150 18.66 0.25 -2.00
N GLU A 151 18.55 -0.60 -3.03
CA GLU A 151 18.25 -0.14 -4.38
C GLU A 151 16.74 0.02 -4.57
N GLN A 152 16.35 0.54 -5.74
CA GLN A 152 14.93 0.67 -6.04
C GLN A 152 14.38 -0.66 -6.57
N TYR A 153 13.28 -1.13 -5.97
CA TYR A 153 12.70 -2.41 -6.32
C TYR A 153 11.25 -2.25 -6.75
N ALA A 154 10.77 -3.19 -7.56
CA ALA A 154 9.35 -3.34 -7.86
C ALA A 154 8.83 -4.67 -7.32
N TRP A 155 7.79 -4.61 -6.49
CA TRP A 155 7.06 -5.77 -6.01
C TRP A 155 5.72 -5.79 -6.75
N GLU A 156 5.22 -6.96 -7.08
CA GLU A 156 3.98 -7.03 -7.85
C GLU A 156 3.23 -8.31 -7.55
N SER A 157 1.90 -8.22 -7.50
CA SER A 157 1.14 -9.45 -7.33
C SER A 157 -0.29 -9.26 -7.83
N SER A 158 -0.76 -10.27 -8.56
CA SER A 158 -2.15 -10.41 -8.94
C SER A 158 -2.85 -11.44 -8.07
N ALA A 159 -2.30 -11.70 -6.88
CA ALA A 159 -2.78 -12.74 -5.98
C ALA A 159 -2.58 -14.12 -6.63
N GLY A 160 -3.50 -15.06 -6.45
CA GLY A 160 -3.23 -16.39 -6.96
C GLY A 160 -2.07 -17.13 -6.30
N GLY A 161 -1.57 -16.64 -5.16
CA GLY A 161 -0.57 -17.36 -4.38
C GLY A 161 0.87 -16.95 -4.60
N SER A 162 1.15 -16.01 -5.50
CA SER A 162 2.54 -15.68 -5.80
C SER A 162 2.72 -14.18 -6.00
N PHE A 163 3.97 -13.74 -5.83
CA PHE A 163 4.34 -12.37 -6.08
C PHE A 163 5.73 -12.38 -6.69
N THR A 164 6.11 -11.25 -7.30
CA THR A 164 7.42 -11.13 -7.93
C THR A 164 8.15 -9.93 -7.35
N VAL A 165 9.47 -10.00 -7.34
CA VAL A 165 10.30 -8.88 -6.95
C VAL A 165 11.38 -8.74 -8.00
N ARG A 166 11.59 -7.51 -8.48
CA ARG A 166 12.67 -7.23 -9.43
C ARG A 166 13.28 -5.88 -9.10
N THR A 167 14.50 -5.69 -9.61
CA THR A 167 15.12 -4.38 -9.54
C THR A 167 14.34 -3.46 -10.46
N ASP A 168 14.02 -2.25 -10.00
CA ASP A 168 13.25 -1.33 -10.83
C ASP A 168 14.18 -0.46 -11.66
N THR A 169 13.89 -0.36 -12.96
CA THR A 169 14.62 0.49 -13.88
C THR A 169 13.83 1.70 -14.37
N GLY A 170 12.63 1.93 -13.82
CA GLY A 170 11.89 3.13 -14.15
C GLY A 170 12.51 4.40 -13.59
N GLU A 171 11.74 5.48 -13.55
CA GLU A 171 12.22 6.75 -12.99
C GLU A 171 12.74 6.53 -11.58
N PRO A 172 13.94 7.02 -11.25
CA PRO A 172 14.40 7.02 -9.85
C PRO A 172 13.45 7.81 -8.97
N MET A 173 13.30 7.34 -7.72
CA MET A 173 12.24 7.78 -6.83
C MET A 173 12.74 8.64 -5.68
N GLY A 174 14.05 8.64 -5.43
CA GLY A 174 14.59 9.39 -4.30
C GLY A 174 14.53 8.56 -3.03
N ARG A 175 13.32 8.41 -2.49
CA ARG A 175 13.07 7.63 -1.30
C ARG A 175 11.57 7.57 -1.13
N GLY A 176 11.04 6.41 -0.79
CA GLY A 176 9.63 6.28 -0.45
C GLY A 176 8.99 5.10 -1.13
N THR A 177 7.66 5.16 -1.28
CA THR A 177 6.92 4.02 -1.80
C THR A 177 5.81 4.55 -2.71
N LYS A 178 5.59 3.84 -3.82
CA LYS A 178 4.52 4.15 -4.75
C LYS A 178 3.69 2.88 -4.92
N VAL A 179 2.42 2.93 -4.50
CA VAL A 179 1.51 1.79 -4.64
C VAL A 179 0.62 2.04 -5.85
N ILE A 180 0.72 1.18 -6.87
CA ILE A 180 -0.03 1.33 -8.11
C ILE A 180 -1.14 0.30 -8.09
N LEU A 181 -2.39 0.76 -7.99
CA LEU A 181 -3.55 -0.11 -7.92
C LEU A 181 -4.11 -0.24 -9.33
N HIS A 182 -4.00 -1.42 -9.94
CA HIS A 182 -4.65 -1.69 -11.23
C HIS A 182 -6.09 -2.11 -10.92
N LEU A 183 -7.04 -1.20 -11.12
CA LEU A 183 -8.37 -1.38 -10.56
C LEU A 183 -9.18 -2.42 -11.35
N LYS A 184 -10.02 -3.15 -10.63
CA LYS A 184 -11.01 -4.00 -11.27
C LYS A 184 -11.94 -3.15 -12.14
N GLU A 185 -12.54 -3.80 -13.14
CA GLU A 185 -13.36 -3.07 -14.09
C GLU A 185 -14.54 -2.37 -13.43
N ASP A 186 -15.11 -2.95 -12.39
CA ASP A 186 -16.28 -2.34 -11.76
C ASP A 186 -15.91 -1.42 -10.60
N GLN A 187 -14.63 -1.09 -10.42
CA GLN A 187 -14.23 -0.24 -9.32
C GLN A 187 -13.64 1.09 -9.80
N THR A 188 -14.07 1.59 -10.96
CA THR A 188 -13.49 2.83 -11.45
C THR A 188 -14.02 4.08 -10.75
N GLU A 189 -14.99 3.93 -9.83
CA GLU A 189 -15.39 5.10 -9.05
C GLU A 189 -14.20 5.68 -8.27
N TYR A 190 -13.21 4.87 -7.92
CA TYR A 190 -12.08 5.37 -7.16
C TYR A 190 -11.08 6.13 -8.04
N LEU A 191 -11.43 6.40 -9.29
CA LEU A 191 -10.65 7.30 -10.13
C LEU A 191 -11.29 8.66 -10.25
N GLU A 192 -12.48 8.85 -9.65
CA GLU A 192 -13.24 10.09 -9.80
C GLU A 192 -12.79 11.06 -8.71
N GLU A 193 -12.50 12.29 -9.12
CA GLU A 193 -11.99 13.28 -8.18
C GLU A 193 -12.92 13.46 -6.97
N ARG A 194 -14.24 13.57 -7.20
CA ARG A 194 -15.08 13.88 -6.04
C ARG A 194 -15.22 12.67 -5.12
N ARG A 195 -15.13 11.44 -5.65
CA ARG A 195 -15.20 10.25 -4.81
C ARG A 195 -13.96 10.17 -3.94
N ILE A 196 -12.81 10.44 -4.51
CA ILE A 196 -11.58 10.36 -3.74
C ILE A 196 -11.59 11.41 -2.64
N LYS A 197 -12.00 12.64 -2.97
CA LYS A 197 -12.04 13.69 -1.95
C LYS A 197 -12.97 13.30 -0.81
N GLU A 198 -14.16 12.76 -1.16
CA GLU A 198 -15.08 12.29 -0.14
C GLU A 198 -14.42 11.29 0.81
N ILE A 199 -13.67 10.35 0.25
CA ILE A 199 -13.10 9.29 1.09
C ILE A 199 -12.02 9.84 1.99
N VAL A 200 -11.15 10.67 1.44
CA VAL A 200 -10.07 11.26 2.22
C VAL A 200 -10.65 12.10 3.36
N LYS A 201 -11.64 12.94 3.03
CA LYS A 201 -12.27 13.75 4.07
C LYS A 201 -12.89 12.87 5.16
N LYS A 202 -13.51 11.76 4.78
CA LYS A 202 -14.25 10.96 5.75
C LYS A 202 -13.30 10.18 6.66
N HIS A 203 -12.20 9.69 6.12
CA HIS A 203 -11.38 8.70 6.79
C HIS A 203 -9.99 9.16 7.12
N SER A 204 -9.48 10.19 6.45
CA SER A 204 -8.07 10.53 6.57
C SER A 204 -7.86 12.01 6.87
N GLN A 205 -8.89 12.69 7.40
CA GLN A 205 -8.84 14.14 7.56
C GLN A 205 -7.69 14.60 8.46
N PHE A 206 -7.30 13.80 9.45
CA PHE A 206 -6.31 14.23 10.44
C PHE A 206 -4.92 13.65 10.20
N ILE A 207 -4.69 13.05 9.04
CA ILE A 207 -3.34 12.63 8.69
C ILE A 207 -2.42 13.84 8.72
N GLY A 208 -1.24 13.66 9.31
CA GLY A 208 -0.40 14.80 9.64
C GLY A 208 0.61 15.15 8.56
N TYR A 209 0.28 14.85 7.30
CA TYR A 209 1.14 15.17 6.17
C TYR A 209 0.23 15.67 5.06
N PRO A 210 0.75 16.52 4.18
CA PRO A 210 -0.09 17.03 3.09
C PRO A 210 -0.43 15.92 2.10
N ILE A 211 -1.71 15.76 1.84
CA ILE A 211 -2.23 14.80 0.86
C ILE A 211 -2.72 15.59 -0.35
N THR A 212 -2.09 15.39 -1.51
CA THR A 212 -2.43 16.14 -2.71
C THR A 212 -3.10 15.20 -3.69
N LEU A 213 -4.34 15.52 -4.05
CA LEU A 213 -5.05 14.71 -5.04
C LEU A 213 -4.78 15.33 -6.41
N PHE A 214 -4.04 14.61 -7.26
CA PHE A 214 -3.76 15.10 -8.61
C PHE A 214 -5.01 14.97 -9.48
N VAL A 215 -5.26 15.98 -10.29
CA VAL A 215 -6.40 15.95 -11.21
C VAL A 215 -5.88 15.56 -12.58
N GLU A 216 -6.73 14.95 -13.40
CA GLU A 216 -6.23 14.53 -14.71
C GLU A 216 -6.38 15.61 -15.77
N LYS A 217 -5.49 15.59 -16.76
CA LYS A 217 -5.44 16.65 -17.76
C LYS A 217 -6.52 16.51 -18.86
N1 A1AXV B . 2.54 -6.54 3.60
C4 A1AXV B . 5.33 -7.55 1.42
C5 A1AXV B . 4.40 -7.53 2.44
C6 A1AXV B . 3.48 -6.49 2.52
C7 A1AXV B . 2.27 -5.58 4.50
C8 A1AXV B . 3.50 -5.49 1.57
C1 A1AXV B . 4.45 -4.42 -0.51
C2 A1AXV B . 4.43 -5.50 0.53
C3 A1AXV B . 5.35 -6.55 0.48
N2 A1AXV B . 2.84 -4.40 4.35
S1 A1AXV B . 1.34 -5.96 5.88
#